data_3GRN
#
_entry.id   3GRN
#
_cell.length_a   39.397
_cell.length_b   42.437
_cell.length_c   55.599
_cell.angle_alpha   99.98
_cell.angle_beta   100.43
_cell.angle_gamma   117.57
#
_symmetry.space_group_name_H-M   'P 1'
#
loop_
_entity.id
_entity.type
_entity.pdbx_description
1 polymer 'MutT related protein'
2 non-polymer GLYCEROL
3 water water
#
_entity_poly.entity_id   1
_entity_poly.type   'polypeptide(L)'
_entity_poly.pdbx_seq_one_letter_code
;MSLEKPYIISVYALIRNEKGEFLLLRRSENSRTNAGKWDLPGGKVNPDESLKEGVAREVWEETGITMVPGDIAGQVNFEL
TEKKVIAIVFDGGYVVADVKLSYEHIEYSWVSLEKILGMETLPAYFRDFFERFDRENKKPSKLFIEGHHHHHH
;
_entity_poly.pdbx_strand_id   A,B
#
loop_
_chem_comp.id
_chem_comp.type
_chem_comp.name
_chem_comp.formula
GOL non-polymer GLYCEROL 'C3 H8 O3'
#
# COMPACT_ATOMS: atom_id res chain seq x y z
N SER A 2 -7.99 15.38 -24.89
CA SER A 2 -7.72 14.74 -23.57
C SER A 2 -6.35 15.14 -23.03
N LEU A 3 -6.16 15.00 -21.71
CA LEU A 3 -4.86 15.25 -21.10
C LEU A 3 -3.90 14.12 -21.41
N GLU A 4 -2.67 14.48 -21.78
CA GLU A 4 -1.65 13.49 -22.12
C GLU A 4 -1.23 12.68 -20.90
N LYS A 5 -1.32 13.31 -19.73
CA LYS A 5 -0.95 12.66 -18.48
C LYS A 5 -2.01 12.98 -17.42
N PRO A 6 -2.57 11.94 -16.75
CA PRO A 6 -3.65 12.15 -15.79
C PRO A 6 -3.15 12.79 -14.50
N TYR A 7 -4.06 13.49 -13.81
CA TYR A 7 -3.79 14.00 -12.46
C TYR A 7 -4.32 13.01 -11.43
N ILE A 8 -3.63 12.89 -10.28
CA ILE A 8 -4.16 12.15 -9.14
C ILE A 8 -4.01 13.02 -7.90
N ILE A 9 -4.86 12.75 -6.90
CA ILE A 9 -4.83 13.48 -5.63
C ILE A 9 -4.13 12.59 -4.59
N SER A 10 -3.18 13.19 -3.89
CA SER A 10 -2.50 12.52 -2.79
C SER A 10 -2.60 13.38 -1.55
N VAL A 11 -2.38 12.76 -0.39
CA VAL A 11 -2.33 13.47 0.89
C VAL A 11 -1.09 13.11 1.69
N TYR A 12 -0.49 14.10 2.35
CA TYR A 12 0.66 13.89 3.23
C TYR A 12 0.41 14.46 4.63
N ALA A 13 1.13 13.91 5.63
CA ALA A 13 0.99 14.41 7.02
C ALA A 13 2.29 14.95 7.55
N LEU A 14 2.21 16.10 8.22
CA LEU A 14 3.33 16.64 8.98
C LEU A 14 3.15 16.20 10.43
N ILE A 15 3.99 15.27 10.85
CA ILE A 15 3.87 14.68 12.18
C ILE A 15 5.14 15.00 12.92
N ARG A 16 5.02 15.62 14.09
CA ARG A 16 6.18 16.03 14.90
CA ARG A 16 6.18 16.03 14.89
C ARG A 16 6.31 15.24 16.18
N ASN A 17 7.54 15.15 16.69
CA ASN A 17 7.79 14.54 17.99
C ASN A 17 7.82 15.61 19.08
N GLU A 18 8.15 15.20 20.30
CA GLU A 18 8.25 16.12 21.44
C GLU A 18 9.21 17.30 21.21
N LYS A 19 10.21 17.07 20.37
CA LYS A 19 11.21 18.09 20.03
C LYS A 19 10.81 18.96 18.84
N GLY A 20 9.69 18.65 18.19
CA GLY A 20 9.24 19.40 17.00
C GLY A 20 9.90 19.02 15.69
N GLU A 21 10.63 17.90 15.68
CA GLU A 21 11.25 17.37 14.47
C GLU A 21 10.19 16.59 13.68
N PHE A 22 10.28 16.63 12.35
CA PHE A 22 9.27 16.02 11.47
C PHE A 22 9.59 14.58 11.09
N LEU A 23 8.55 13.77 11.01
CA LEU A 23 8.69 12.37 10.62
C LEU A 23 8.88 12.23 9.11
N LEU A 24 10.04 11.72 8.71
CA LEU A 24 10.26 11.35 7.31
C LEU A 24 10.47 9.84 7.19
N LEU A 25 10.10 9.29 6.03
CA LEU A 25 10.20 7.86 5.78
C LEU A 25 10.94 7.65 4.49
N ARG A 26 11.81 6.63 4.44
CA ARG A 26 12.50 6.33 3.19
C ARG A 26 11.82 5.19 2.46
N ARG A 27 11.51 5.39 1.19
CA ARG A 27 10.70 4.47 0.38
C ARG A 27 11.49 3.20 0.02
N SER A 28 10.78 2.08 -0.09
CA SER A 28 11.43 0.81 -0.45
C SER A 28 11.89 0.82 -1.90
N GLU A 29 12.85 -0.05 -2.21
CA GLU A 29 13.47 -0.13 -3.53
C GLU A 29 12.56 -0.71 -4.62
N ASN A 30 11.54 -1.46 -4.18
CA ASN A 30 10.59 -2.10 -5.10
C ASN A 30 9.38 -1.25 -5.46
N SER A 31 9.37 0.02 -5.00
CA SER A 31 8.33 0.97 -5.32
C SER A 31 8.43 1.39 -6.79
N ARG A 32 7.27 1.41 -7.44
CA ARG A 32 7.13 1.83 -8.84
C ARG A 32 7.60 3.27 -9.08
N THR A 33 7.27 4.16 -8.13
CA THR A 33 7.61 5.59 -8.21
C THR A 33 8.58 5.94 -7.08
N ASN A 34 9.56 6.80 -7.36
CA ASN A 34 10.49 7.33 -6.32
C ASN A 34 11.10 6.28 -5.40
N ALA A 35 11.50 5.14 -5.96
CA ALA A 35 12.06 4.04 -5.19
C ALA A 35 13.31 4.48 -4.45
N GLY A 36 13.39 4.16 -3.16
CA GLY A 36 14.58 4.51 -2.37
C GLY A 36 14.71 5.91 -1.80
N LYS A 37 13.80 6.82 -2.16
CA LYS A 37 13.91 8.23 -1.73
C LYS A 37 13.16 8.54 -0.41
N TRP A 38 13.58 9.58 0.30
CA TRP A 38 12.84 10.09 1.47
C TRP A 38 11.48 10.73 1.09
N ASP A 39 10.48 10.62 1.97
CA ASP A 39 9.09 11.00 1.70
CA ASP A 39 9.14 11.16 1.71
C ASP A 39 8.41 11.41 3.02
N LEU A 40 7.24 12.02 2.94
CA LEU A 40 6.41 12.24 4.11
C LEU A 40 5.46 11.06 4.18
N PRO A 41 4.90 10.78 5.38
CA PRO A 41 3.80 9.81 5.46
C PRO A 41 2.62 10.30 4.63
N GLY A 42 2.02 9.41 3.86
CA GLY A 42 0.86 9.76 3.04
C GLY A 42 0.82 8.97 1.77
N GLY A 43 -0.06 9.36 0.85
CA GLY A 43 -0.14 8.65 -0.42
C GLY A 43 -1.43 8.99 -1.13
N LYS A 44 -1.79 8.14 -2.09
CA LYS A 44 -2.94 8.42 -2.97
CA LYS A 44 -2.93 8.39 -2.97
C LYS A 44 -4.29 8.30 -2.25
N VAL A 45 -5.20 9.24 -2.55
CA VAL A 45 -6.55 9.22 -1.96
C VAL A 45 -7.39 8.21 -2.76
N ASN A 46 -8.19 7.38 -2.08
CA ASN A 46 -8.92 6.28 -2.74
C ASN A 46 -10.18 6.81 -3.40
N PRO A 47 -10.74 6.03 -4.36
CA PRO A 47 -12.07 6.36 -4.89
C PRO A 47 -13.08 6.50 -3.74
N ASP A 48 -13.84 7.59 -3.77
CA ASP A 48 -14.96 7.89 -2.84
C ASP A 48 -14.54 8.28 -1.42
N GLU A 49 -13.24 8.53 -1.21
CA GLU A 49 -12.72 8.82 0.12
C GLU A 49 -12.54 10.34 0.36
N SER A 50 -12.83 10.82 1.56
CA SER A 50 -12.53 12.22 1.91
C SER A 50 -11.01 12.43 2.16
N LEU A 51 -10.52 13.66 2.03
CA LEU A 51 -9.05 13.87 2.19
C LEU A 51 -8.59 13.50 3.62
N LYS A 52 -9.34 13.91 4.63
CA LYS A 52 -8.96 13.64 6.02
C LYS A 52 -9.04 12.15 6.38
N GLU A 53 -9.98 11.43 5.78
CA GLU A 53 -10.07 9.97 5.95
C GLU A 53 -8.83 9.35 5.30
N GLY A 54 -8.50 9.82 4.10
CA GLY A 54 -7.32 9.36 3.40
C GLY A 54 -6.02 9.53 4.16
N VAL A 55 -5.82 10.70 4.73
CA VAL A 55 -4.52 10.93 5.37
C VAL A 55 -4.41 10.10 6.66
N ALA A 56 -5.50 9.96 7.41
CA ALA A 56 -5.45 9.13 8.63
C ALA A 56 -5.18 7.65 8.28
N ARG A 57 -5.81 7.16 7.21
CA ARG A 57 -5.64 5.79 6.70
C ARG A 57 -4.21 5.55 6.28
N GLU A 58 -3.65 6.47 5.48
CA GLU A 58 -2.26 6.36 5.02
C GLU A 58 -1.24 6.41 6.16
N VAL A 59 -1.45 7.31 7.10
CA VAL A 59 -0.57 7.42 8.24
C VAL A 59 -0.60 6.15 9.09
N TRP A 60 -1.80 5.64 9.37
CA TRP A 60 -1.89 4.38 10.14
C TRP A 60 -1.19 3.21 9.45
N GLU A 61 -1.44 3.04 8.15
CA GLU A 61 -0.88 1.88 7.44
C GLU A 61 0.62 1.96 7.28
N GLU A 62 1.16 3.20 7.20
CA GLU A 62 2.60 3.35 6.96
C GLU A 62 3.45 3.39 8.22
N THR A 63 2.84 3.81 9.32
CA THR A 63 3.61 4.12 10.54
C THR A 63 3.02 3.54 11.84
N GLY A 64 1.78 3.06 11.82
CA GLY A 64 1.16 2.58 13.08
C GLY A 64 0.53 3.69 13.92
N ILE A 65 0.71 4.94 13.49
CA ILE A 65 0.19 6.10 14.23
C ILE A 65 -1.28 6.33 13.95
N THR A 66 -2.06 6.44 15.02
CA THR A 66 -3.45 6.86 14.90
C THR A 66 -3.50 8.37 15.09
N MET A 67 -3.88 9.07 14.02
CA MET A 67 -3.94 10.52 14.03
C MET A 67 -5.35 10.99 13.63
N VAL A 68 -5.82 12.06 14.26
CA VAL A 68 -6.91 12.84 13.70
C VAL A 68 -6.29 14.08 13.07
N PRO A 69 -6.45 14.22 11.74
CA PRO A 69 -5.80 15.30 11.01
C PRO A 69 -6.28 16.67 11.47
N GLY A 70 -5.35 17.60 11.64
CA GLY A 70 -5.66 18.96 12.02
C GLY A 70 -5.84 19.80 10.77
N ASP A 71 -5.38 21.04 10.82
CA ASP A 71 -5.62 21.95 9.71
C ASP A 71 -4.75 21.59 8.48
N ILE A 72 -5.16 22.09 7.32
CA ILE A 72 -4.33 21.96 6.13
C ILE A 72 -3.09 22.82 6.27
N ALA A 73 -1.91 22.25 5.97
CA ALA A 73 -0.63 22.94 6.10
C ALA A 73 -0.20 23.58 4.78
N GLY A 74 -0.73 23.06 3.68
CA GLY A 74 -0.43 23.58 2.35
C GLY A 74 -0.57 22.52 1.26
N GLN A 75 0.12 22.77 0.16
CA GLN A 75 -0.05 22.05 -1.10
CA GLN A 75 -0.02 21.93 -1.02
C GLN A 75 1.32 21.73 -1.68
N VAL A 76 1.49 20.55 -2.27
CA VAL A 76 2.66 20.31 -3.10
C VAL A 76 2.15 19.64 -4.39
N ASN A 77 2.67 20.08 -5.53
CA ASN A 77 2.34 19.51 -6.83
CA ASN A 77 2.35 19.42 -6.77
C ASN A 77 3.63 19.02 -7.50
N PHE A 78 3.61 17.86 -8.15
CA PHE A 78 4.79 17.38 -8.86
C PHE A 78 4.41 16.40 -9.95
N GLU A 79 5.25 16.38 -10.98
CA GLU A 79 5.04 15.48 -12.10
C GLU A 79 5.86 14.20 -11.98
N LEU A 80 5.22 13.07 -12.24
CA LEU A 80 5.96 11.81 -12.36
C LEU A 80 5.83 11.35 -13.80
N THR A 81 6.54 10.27 -14.15
CA THR A 81 6.50 9.83 -15.52
C THR A 81 5.07 9.48 -15.99
N GLU A 82 4.26 8.84 -15.14
CA GLU A 82 2.96 8.41 -15.66
C GLU A 82 1.74 9.16 -15.13
N LYS A 83 1.96 10.11 -14.22
CA LYS A 83 0.87 10.94 -13.69
C LYS A 83 1.43 12.24 -13.09
N LYS A 84 0.55 13.24 -12.95
CA LYS A 84 0.84 14.44 -12.17
C LYS A 84 0.15 14.34 -10.83
N VAL A 85 0.86 14.69 -9.77
CA VAL A 85 0.34 14.57 -8.43
C VAL A 85 -0.05 15.96 -7.88
N ILE A 86 -1.26 16.07 -7.36
CA ILE A 86 -1.67 17.24 -6.61
C ILE A 86 -1.82 16.73 -5.19
N ALA A 87 -1.00 17.23 -4.29
CA ALA A 87 -0.97 16.68 -2.93
C ALA A 87 -1.31 17.75 -1.88
N ILE A 88 -2.17 17.37 -0.95
CA ILE A 88 -2.56 18.26 0.13
CA ILE A 88 -2.60 18.25 0.15
C ILE A 88 -1.88 17.79 1.40
N VAL A 89 -1.26 18.73 2.11
CA VAL A 89 -0.45 18.42 3.29
C VAL A 89 -1.25 18.84 4.52
N PHE A 90 -1.42 17.90 5.45
CA PHE A 90 -2.15 18.12 6.68
C PHE A 90 -1.22 18.19 7.86
N ASP A 91 -1.58 19.00 8.85
CA ASP A 91 -0.81 19.08 10.06
C ASP A 91 -1.33 18.01 11.02
N GLY A 92 -0.43 17.12 11.41
CA GLY A 92 -0.76 15.98 12.24
C GLY A 92 -0.39 16.22 13.69
N GLY A 93 0.17 17.40 13.99
CA GLY A 93 0.41 17.80 15.38
C GLY A 93 1.66 17.20 15.94
N TYR A 94 1.66 16.95 17.26
CA TYR A 94 2.81 16.44 18.00
C TYR A 94 2.41 15.11 18.63
N VAL A 95 3.23 14.08 18.41
CA VAL A 95 2.95 12.73 18.92
C VAL A 95 4.13 12.11 19.67
N VAL A 96 3.79 11.14 20.52
CA VAL A 96 4.77 10.30 21.16
C VAL A 96 4.43 8.92 20.64
N ALA A 97 5.21 8.43 19.69
CA ALA A 97 4.95 7.14 19.06
C ALA A 97 6.22 6.43 18.69
N ASP A 98 6.22 5.10 18.81
CA ASP A 98 7.25 4.28 18.22
C ASP A 98 6.79 3.88 16.83
N VAL A 99 7.41 4.49 15.83
CA VAL A 99 7.04 4.26 14.42
C VAL A 99 7.26 2.79 14.03
N LYS A 100 6.25 2.22 13.36
CA LYS A 100 6.29 0.86 12.93
C LYS A 100 5.97 0.79 11.44
N LEU A 101 6.97 0.39 10.68
CA LEU A 101 6.92 0.48 9.20
C LEU A 101 6.28 -0.69 8.50
N SER A 102 5.91 -0.47 7.24
CA SER A 102 5.34 -1.49 6.37
C SER A 102 6.30 -1.76 5.21
N TYR A 103 5.89 -2.66 4.30
CA TYR A 103 6.66 -2.97 3.08
C TYR A 103 7.00 -1.72 2.26
N GLU A 104 6.23 -0.65 2.44
CA GLU A 104 6.40 0.56 1.62
C GLU A 104 7.66 1.34 1.95
N HIS A 105 8.19 1.17 3.17
CA HIS A 105 9.32 1.98 3.62
C HIS A 105 10.36 1.18 4.36
N ILE A 106 11.63 1.58 4.23
CA ILE A 106 12.73 0.81 4.84
C ILE A 106 13.32 1.40 6.12
N GLU A 107 13.18 2.71 6.28
CA GLU A 107 13.59 3.40 7.50
C GLU A 107 12.83 4.68 7.72
N TYR A 108 12.98 5.22 8.92
CA TYR A 108 12.38 6.50 9.26
C TYR A 108 13.37 7.33 10.03
N SER A 109 13.05 8.62 10.15
CA SER A 109 13.87 9.56 10.85
C SER A 109 13.03 10.75 11.25
N TRP A 110 13.30 11.26 12.45
CA TRP A 110 12.70 12.49 12.97
C TRP A 110 13.70 13.60 12.68
N VAL A 111 13.37 14.46 11.73
CA VAL A 111 14.30 15.48 11.20
C VAL A 111 13.81 16.91 11.49
N SER A 112 14.70 17.76 11.99
CA SER A 112 14.35 19.17 12.22
C SER A 112 14.25 19.91 10.89
N LEU A 113 13.50 21.01 10.92
CA LEU A 113 13.34 21.89 9.76
C LEU A 113 14.66 22.38 9.19
N GLU A 114 15.58 22.79 10.07
CA GLU A 114 16.92 23.21 9.66
C GLU A 114 17.63 22.15 8.82
N LYS A 115 17.61 20.89 9.28
CA LYS A 115 18.28 19.82 8.53
C LYS A 115 17.52 19.50 7.24
N ILE A 116 16.19 19.60 7.27
CA ILE A 116 15.38 19.47 6.05
C ILE A 116 15.80 20.49 4.99
N LEU A 117 15.96 21.75 5.41
CA LEU A 117 16.49 22.81 4.56
C LEU A 117 18.03 22.78 4.62
N GLY A 118 18.60 21.65 4.20
CA GLY A 118 20.03 21.36 4.33
C GLY A 118 20.28 19.91 3.94
N MET A 119 19.19 19.20 3.65
CA MET A 119 19.22 17.80 3.24
C MET A 119 19.58 17.74 1.75
N GLU A 120 19.48 16.55 1.15
CA GLU A 120 19.70 16.39 -0.28
C GLU A 120 18.78 15.31 -0.84
N THR A 121 18.53 14.27 -0.06
CA THR A 121 17.75 13.12 -0.50
C THR A 121 16.25 13.23 -0.21
N LEU A 122 15.81 14.41 0.24
CA LEU A 122 14.40 14.79 0.23
C LEU A 122 14.14 15.57 -1.07
N PRO A 123 13.22 15.06 -1.91
CA PRO A 123 12.92 15.56 -3.25
C PRO A 123 12.61 17.04 -3.27
N ALA A 124 12.97 17.69 -4.39
CA ALA A 124 12.94 19.16 -4.47
C ALA A 124 11.59 19.77 -4.12
N TYR A 125 10.51 19.11 -4.54
CA TYR A 125 9.17 19.61 -4.26
C TYR A 125 8.83 19.64 -2.76
N PHE A 126 9.35 18.66 -2.00
CA PHE A 126 9.17 18.66 -0.55
C PHE A 126 10.04 19.73 0.12
N ARG A 127 11.28 19.86 -0.34
CA ARG A 127 12.20 20.93 0.10
C ARG A 127 11.50 22.28 -0.03
N ASP A 128 11.00 22.57 -1.24
CA ASP A 128 10.23 23.77 -1.53
CA ASP A 128 10.25 23.79 -1.51
C ASP A 128 9.04 23.94 -0.59
N PHE A 129 8.30 22.86 -0.38
CA PHE A 129 7.14 22.91 0.53
C PHE A 129 7.55 23.39 1.91
N PHE A 130 8.61 22.80 2.46
CA PHE A 130 9.08 23.15 3.80
C PHE A 130 9.61 24.57 3.87
N GLU A 131 10.21 25.04 2.79
CA GLU A 131 10.67 26.43 2.72
C GLU A 131 9.49 27.40 2.77
N ARG A 132 8.42 27.06 2.05
CA ARG A 132 7.18 27.83 2.03
C ARG A 132 6.44 27.74 3.38
N PHE A 133 6.31 26.53 3.93
CA PHE A 133 5.69 26.31 5.24
C PHE A 133 6.35 27.15 6.35
N ASP A 134 7.68 27.15 6.34
CA ASP A 134 8.50 27.89 7.31
C ASP A 134 8.20 29.40 7.27
N ARG A 135 8.11 29.95 6.05
CA ARG A 135 7.84 31.38 5.90
C ARG A 135 6.38 31.74 6.23
N GLU A 136 5.45 30.81 6.04
CA GLU A 136 4.05 31.09 6.37
C GLU A 136 3.76 30.94 7.88
N ASN A 137 4.64 30.25 8.60
CA ASN A 137 4.54 30.19 10.06
C ASN A 137 5.25 31.36 10.74
N LYS A 138 6.57 31.48 10.51
CA LYS A 138 7.41 32.43 11.24
C LYS A 138 7.30 33.86 10.71
N LYS A 139 7.56 34.03 9.40
CA LYS A 139 7.42 35.33 8.75
C LYS A 139 5.95 35.66 8.51
N LEU B 3 10.58 -11.59 19.33
CA LEU B 3 10.53 -10.77 18.07
C LEU B 3 9.78 -9.47 18.30
N GLU B 4 10.24 -8.42 17.63
CA GLU B 4 9.65 -7.09 17.78
C GLU B 4 8.31 -6.97 17.06
N LYS B 5 8.10 -7.84 16.06
CA LYS B 5 6.88 -7.87 15.27
C LYS B 5 6.60 -9.34 14.92
N PRO B 6 5.38 -9.83 15.19
CA PRO B 6 5.04 -11.24 14.99
C PRO B 6 4.85 -11.57 13.50
N TYR B 7 5.10 -12.84 13.17
CA TYR B 7 4.79 -13.37 11.85
C TYR B 7 3.42 -14.03 11.86
N ILE B 8 2.73 -13.97 10.73
CA ILE B 8 1.49 -14.69 10.53
C ILE B 8 1.53 -15.40 9.19
N ILE B 9 0.78 -16.48 9.06
CA ILE B 9 0.72 -17.24 7.80
C ILE B 9 -0.58 -16.88 7.07
N SER B 10 -0.47 -16.54 5.81
CA SER B 10 -1.65 -16.32 4.96
C SER B 10 -1.59 -17.21 3.74
N VAL B 11 -2.74 -17.40 3.09
CA VAL B 11 -2.78 -18.13 1.83
C VAL B 11 -3.54 -17.33 0.79
N TYR B 12 -3.10 -17.43 -0.45
CA TYR B 12 -3.78 -16.78 -1.58
C TYR B 12 -4.00 -17.80 -2.69
N ALA B 13 -4.96 -17.51 -3.57
CA ALA B 13 -5.27 -18.38 -4.70
C ALA B 13 -5.18 -17.66 -6.02
N LEU B 14 -4.56 -18.33 -7.00
CA LEU B 14 -4.57 -17.89 -8.40
C LEU B 14 -5.71 -18.61 -9.09
N ILE B 15 -6.74 -17.83 -9.40
CA ILE B 15 -7.92 -18.35 -10.04
C ILE B 15 -8.01 -17.65 -11.38
N ARG B 16 -8.14 -18.45 -12.44
CA ARG B 16 -8.17 -17.90 -13.78
C ARG B 16 -9.48 -18.16 -14.51
N ASN B 17 -9.80 -17.30 -15.47
CA ASN B 17 -10.95 -17.53 -16.36
C ASN B 17 -10.51 -18.19 -17.66
N GLU B 18 -11.46 -18.37 -18.57
CA GLU B 18 -11.14 -19.07 -19.84
C GLU B 18 -10.23 -18.28 -20.79
N LYS B 19 -9.95 -17.02 -20.45
CA LYS B 19 -9.01 -16.19 -21.19
C LYS B 19 -7.62 -16.22 -20.53
N GLY B 20 -7.53 -16.92 -19.40
CA GLY B 20 -6.28 -17.01 -18.63
C GLY B 20 -6.02 -15.77 -17.76
N GLU B 21 -7.03 -14.94 -17.59
CA GLU B 21 -6.91 -13.75 -16.75
C GLU B 21 -7.12 -14.17 -15.30
N PHE B 22 -6.39 -13.51 -14.41
CA PHE B 22 -6.40 -13.83 -12.97
C PHE B 22 -7.43 -12.99 -12.24
N LEU B 23 -8.08 -13.60 -11.25
CA LEU B 23 -9.05 -12.90 -10.44
C LEU B 23 -8.37 -12.05 -9.38
N LEU B 24 -8.62 -10.74 -9.45
CA LEU B 24 -8.19 -9.82 -8.39
C LEU B 24 -9.40 -9.18 -7.70
N LEU B 25 -9.25 -8.83 -6.44
CA LEU B 25 -10.33 -8.23 -5.67
C LEU B 25 -9.82 -6.93 -5.03
N ARG B 26 -10.65 -5.89 -5.00
CA ARG B 26 -10.23 -4.63 -4.37
C ARG B 26 -10.80 -4.55 -2.98
N ARG B 27 -9.93 -4.33 -1.99
CA ARG B 27 -10.28 -4.39 -0.58
C ARG B 27 -11.17 -3.22 -0.15
N SER B 28 -12.02 -3.45 0.84
CA SER B 28 -12.93 -2.41 1.33
C SER B 28 -12.18 -1.32 2.09
N GLU B 29 -12.77 -0.13 2.13
CA GLU B 29 -12.15 1.03 2.79
C GLU B 29 -12.06 0.86 4.30
N ASN B 30 -12.94 0.00 4.83
CA ASN B 30 -13.03 -0.29 6.27
C ASN B 30 -12.02 -1.31 6.79
N SER B 31 -11.18 -1.83 5.88
CA SER B 31 -10.14 -2.81 6.23
C SER B 31 -9.02 -2.16 7.04
N ARG B 32 -8.54 -2.91 8.01
CA ARG B 32 -7.44 -2.50 8.87
C ARG B 32 -6.07 -2.46 8.14
N THR B 33 -5.91 -3.31 7.13
CA THR B 33 -4.67 -3.36 6.35
C THR B 33 -5.00 -3.16 4.87
N ASN B 34 -4.15 -2.38 4.19
CA ASN B 34 -4.25 -2.18 2.72
C ASN B 34 -5.66 -1.83 2.25
N ALA B 35 -6.34 -0.98 3.03
CA ALA B 35 -7.70 -0.58 2.71
C ALA B 35 -7.77 0.03 1.30
N GLY B 36 -8.74 -0.41 0.51
CA GLY B 36 -8.90 0.16 -0.81
C GLY B 36 -8.00 -0.36 -1.92
N LYS B 37 -7.05 -1.24 -1.58
CA LYS B 37 -6.08 -1.75 -2.56
C LYS B 37 -6.51 -3.07 -3.23
N TRP B 38 -5.98 -3.34 -4.43
CA TRP B 38 -6.17 -4.64 -5.11
C TRP B 38 -5.42 -5.79 -4.40
N ASP B 39 -5.97 -7.01 -4.48
CA ASP B 39 -5.49 -8.13 -3.66
C ASP B 39 -5.84 -9.41 -4.39
N LEU B 40 -5.23 -10.53 -4.01
CA LEU B 40 -5.69 -11.84 -4.50
C LEU B 40 -6.70 -12.37 -3.50
N PRO B 41 -7.58 -13.32 -3.93
CA PRO B 41 -8.43 -14.00 -2.96
C PRO B 41 -7.58 -14.78 -1.97
N GLY B 42 -7.93 -14.73 -0.70
CA GLY B 42 -7.15 -15.43 0.34
C GLY B 42 -7.16 -14.67 1.64
N GLY B 43 -6.28 -15.04 2.57
CA GLY B 43 -6.24 -14.36 3.86
C GLY B 43 -5.59 -15.25 4.89
N LYS B 44 -5.79 -14.92 6.17
CA LYS B 44 -5.01 -15.51 7.25
C LYS B 44 -5.44 -16.95 7.52
N VAL B 45 -4.48 -17.84 7.79
CA VAL B 45 -4.78 -19.25 8.10
C VAL B 45 -5.19 -19.34 9.58
N ASN B 46 -6.21 -20.14 9.87
CA ASN B 46 -6.73 -20.25 11.23
C ASN B 46 -5.89 -21.13 12.12
N PRO B 47 -5.98 -20.92 13.46
CA PRO B 47 -5.42 -21.90 14.38
C PRO B 47 -6.01 -23.28 14.03
N ASP B 48 -5.12 -24.26 13.81
CA ASP B 48 -5.46 -25.68 13.58
C ASP B 48 -5.97 -26.12 12.20
N GLU B 49 -5.95 -25.25 11.19
CA GLU B 49 -6.35 -25.75 9.87
C GLU B 49 -5.13 -25.90 8.95
N SER B 50 -5.25 -26.81 7.99
CA SER B 50 -4.23 -27.02 6.96
C SER B 50 -4.24 -25.84 5.98
N LEU B 51 -3.14 -25.61 5.28
CA LEU B 51 -3.12 -24.50 4.31
C LEU B 51 -4.22 -24.66 3.23
N LYS B 52 -4.38 -25.87 2.69
CA LYS B 52 -5.36 -26.12 1.62
CA LYS B 52 -5.37 -26.12 1.62
C LYS B 52 -6.80 -25.92 2.09
N GLU B 53 -7.08 -26.28 3.34
CA GLU B 53 -8.38 -26.01 3.99
C GLU B 53 -8.59 -24.50 4.08
N GLY B 54 -7.56 -23.79 4.53
CA GLY B 54 -7.64 -22.34 4.65
C GLY B 54 -7.90 -21.65 3.33
N VAL B 55 -7.19 -22.06 2.28
CA VAL B 55 -7.36 -21.34 1.03
C VAL B 55 -8.75 -21.60 0.43
N ALA B 56 -9.27 -22.81 0.54
CA ALA B 56 -10.64 -23.09 0.03
C ALA B 56 -11.69 -22.28 0.79
N ARG B 57 -11.51 -22.21 2.11
CA ARG B 57 -12.39 -21.46 3.01
C ARG B 57 -12.39 -19.99 2.63
N GLU B 58 -11.20 -19.41 2.48
CA GLU B 58 -11.06 -17.99 2.16
C GLU B 58 -11.61 -17.66 0.79
N VAL B 59 -11.34 -18.51 -0.19
CA VAL B 59 -11.89 -18.31 -1.54
C VAL B 59 -13.42 -18.36 -1.55
N TRP B 60 -14.00 -19.35 -0.87
CA TRP B 60 -15.48 -19.42 -0.80
C TRP B 60 -16.09 -18.19 -0.13
N GLU B 61 -15.57 -17.81 1.04
CA GLU B 61 -16.15 -16.68 1.78
C GLU B 61 -16.03 -15.36 1.02
N GLU B 62 -14.96 -15.22 0.22
CA GLU B 62 -14.70 -13.93 -0.42
C GLU B 62 -15.30 -13.81 -1.81
N THR B 63 -15.54 -14.96 -2.45
CA THR B 63 -15.94 -14.94 -3.87
C THR B 63 -17.14 -15.83 -4.22
N GLY B 64 -17.53 -16.74 -3.31
CA GLY B 64 -18.59 -17.72 -3.62
C GLY B 64 -18.12 -18.90 -4.43
N ILE B 65 -16.83 -18.91 -4.82
CA ILE B 65 -16.27 -19.99 -5.63
C ILE B 65 -15.91 -21.19 -4.75
N THR B 66 -16.39 -22.38 -5.16
CA THR B 66 -15.99 -23.63 -4.50
C THR B 66 -14.85 -24.19 -5.34
N MET B 67 -13.69 -24.30 -4.72
CA MET B 67 -12.55 -24.79 -5.45
C MET B 67 -11.79 -25.82 -4.63
N VAL B 68 -11.19 -26.76 -5.35
CA VAL B 68 -10.24 -27.67 -4.75
C VAL B 68 -8.85 -27.15 -5.15
N PRO B 69 -8.05 -26.78 -4.14
CA PRO B 69 -6.73 -26.19 -4.35
C PRO B 69 -5.80 -27.16 -5.04
N GLY B 70 -5.06 -26.65 -6.04
CA GLY B 70 -4.10 -27.47 -6.78
C GLY B 70 -2.72 -27.36 -6.16
N ASP B 71 -1.70 -27.37 -7.00
CA ASP B 71 -0.36 -27.34 -6.46
C ASP B 71 0.00 -25.93 -5.96
N ILE B 72 1.04 -25.85 -5.15
CA ILE B 72 1.54 -24.56 -4.71
C ILE B 72 2.18 -23.84 -5.88
N ALA B 73 1.85 -22.55 -6.02
CA ALA B 73 2.37 -21.68 -7.09
C ALA B 73 3.61 -20.89 -6.67
N GLY B 74 3.76 -20.66 -5.38
CA GLY B 74 4.88 -19.91 -4.89
C GLY B 74 4.59 -19.29 -3.53
N GLN B 75 5.43 -18.32 -3.21
CA GLN B 75 5.44 -17.70 -1.89
CA GLN B 75 5.47 -17.70 -1.89
C GLN B 75 5.52 -16.20 -2.08
N VAL B 76 4.85 -15.45 -1.19
CA VAL B 76 5.04 -14.00 -1.11
C VAL B 76 5.16 -13.63 0.37
N ASN B 77 6.16 -12.81 0.69
CA ASN B 77 6.36 -12.32 2.05
C ASN B 77 6.29 -10.81 2.04
N PHE B 78 5.71 -10.23 3.08
CA PHE B 78 5.64 -8.76 3.16
C PHE B 78 5.36 -8.30 4.58
N GLU B 79 5.85 -7.11 4.85
CA GLU B 79 5.75 -6.54 6.17
C GLU B 79 4.57 -5.56 6.22
N LEU B 80 3.79 -5.63 7.29
CA LEU B 80 2.74 -4.64 7.53
C LEU B 80 3.12 -3.97 8.83
N THR B 81 2.40 -2.90 9.19
CA THR B 81 2.77 -2.21 10.39
C THR B 81 2.70 -3.05 11.66
N GLU B 82 1.71 -3.96 11.78
CA GLU B 82 1.51 -4.72 13.03
CA GLU B 82 1.56 -4.70 13.05
C GLU B 82 2.04 -6.16 12.99
N LYS B 83 2.41 -6.62 11.79
CA LYS B 83 2.83 -8.03 11.61
C LYS B 83 3.59 -8.20 10.30
N LYS B 84 4.37 -9.28 10.22
CA LYS B 84 4.96 -9.74 8.94
C LYS B 84 4.18 -10.92 8.41
N VAL B 85 3.93 -10.93 7.10
CA VAL B 85 3.10 -11.96 6.52
C VAL B 85 3.98 -12.91 5.68
N ILE B 86 3.82 -14.20 5.93
CA ILE B 86 4.41 -15.23 5.06
C ILE B 86 3.21 -15.86 4.35
N ALA B 87 3.16 -15.69 3.03
CA ALA B 87 1.95 -16.11 2.33
C ALA B 87 2.31 -17.17 1.29
N ILE B 88 1.50 -18.22 1.28
CA ILE B 88 1.69 -19.31 0.33
CA ILE B 88 1.65 -19.35 0.34
C ILE B 88 0.60 -19.17 -0.73
N VAL B 89 1.02 -19.20 -2.00
CA VAL B 89 0.07 -19.04 -3.11
C VAL B 89 -0.25 -20.38 -3.76
N PHE B 90 -1.53 -20.71 -3.90
CA PHE B 90 -1.98 -21.96 -4.55
C PHE B 90 -2.56 -21.71 -5.92
N ASP B 91 -2.42 -22.69 -6.80
CA ASP B 91 -3.04 -22.61 -8.12
C ASP B 91 -4.45 -23.14 -7.92
N GLY B 92 -5.43 -22.32 -8.29
CA GLY B 92 -6.82 -22.70 -8.18
C GLY B 92 -7.42 -23.08 -9.51
N GLY B 93 -6.57 -23.20 -10.53
CA GLY B 93 -6.99 -23.63 -11.87
C GLY B 93 -7.89 -22.65 -12.61
N TYR B 94 -8.80 -23.20 -13.40
CA TYR B 94 -9.65 -22.41 -14.30
C TYR B 94 -11.11 -22.56 -13.92
N VAL B 95 -11.84 -21.46 -13.92
CA VAL B 95 -13.24 -21.46 -13.51
C VAL B 95 -14.14 -20.66 -14.46
N VAL B 96 -15.41 -21.07 -14.51
CA VAL B 96 -16.49 -20.27 -15.06
C VAL B 96 -17.38 -20.01 -13.85
N ALA B 97 -17.27 -18.81 -13.30
CA ALA B 97 -18.02 -18.46 -12.10
C ALA B 97 -18.38 -17.00 -12.15
N ASP B 98 -19.54 -16.68 -11.60
CA ASP B 98 -19.93 -15.31 -11.36
C ASP B 98 -19.52 -15.01 -9.91
N VAL B 99 -18.50 -14.18 -9.77
CA VAL B 99 -17.97 -13.79 -8.46
C VAL B 99 -19.02 -13.03 -7.62
N LYS B 100 -19.12 -13.41 -6.34
CA LYS B 100 -20.07 -12.87 -5.41
C LYS B 100 -19.30 -12.41 -4.18
N LEU B 101 -19.16 -11.09 -4.01
CA LEU B 101 -18.30 -10.52 -2.97
C LEU B 101 -18.91 -10.44 -1.57
N SER B 102 -18.05 -10.31 -0.57
CA SER B 102 -18.44 -10.06 0.80
C SER B 102 -18.08 -8.62 1.21
N TYR B 103 -18.32 -8.32 2.49
CA TYR B 103 -17.96 -7.03 3.08
C TYR B 103 -16.48 -6.70 2.95
N GLU B 104 -15.65 -7.71 2.75
CA GLU B 104 -14.20 -7.53 2.69
C GLU B 104 -13.71 -6.84 1.41
N HIS B 105 -14.51 -6.88 0.33
CA HIS B 105 -14.10 -6.33 -0.96
C HIS B 105 -15.20 -5.55 -1.66
N ILE B 106 -14.80 -4.55 -2.45
CA ILE B 106 -15.77 -3.64 -3.09
C ILE B 106 -16.00 -3.98 -4.56
N GLU B 107 -14.97 -4.51 -5.20
CA GLU B 107 -15.07 -4.86 -6.61
C GLU B 107 -14.09 -5.97 -6.97
N TYR B 108 -14.29 -6.54 -8.16
CA TYR B 108 -13.39 -7.55 -8.68
C TYR B 108 -13.09 -7.27 -10.13
N SER B 109 -11.98 -7.85 -10.59
CA SER B 109 -11.60 -7.74 -11.99
C SER B 109 -10.84 -8.98 -12.39
N TRP B 110 -11.04 -9.42 -13.63
CA TRP B 110 -10.22 -10.48 -14.21
C TRP B 110 -9.15 -9.79 -15.02
N VAL B 111 -7.88 -10.03 -14.67
CA VAL B 111 -6.76 -9.26 -15.20
C VAL B 111 -5.67 -10.15 -15.81
N SER B 112 -5.25 -9.81 -17.04
CA SER B 112 -4.16 -10.51 -17.71
C SER B 112 -2.83 -10.24 -17.01
N LEU B 113 -1.91 -11.18 -17.17
CA LEU B 113 -0.56 -11.05 -16.63
C LEU B 113 0.18 -9.76 -17.01
N GLU B 114 0.11 -9.38 -18.29
CA GLU B 114 0.74 -8.14 -18.76
C GLU B 114 0.17 -6.89 -18.09
N LYS B 115 -1.14 -6.85 -17.94
CA LYS B 115 -1.81 -5.74 -17.27
C LYS B 115 -1.45 -5.70 -15.78
N ILE B 116 -1.27 -6.87 -15.16
CA ILE B 116 -0.81 -6.96 -13.76
C ILE B 116 0.58 -6.33 -13.61
N LEU B 117 1.51 -6.71 -14.48
CA LEU B 117 2.89 -6.25 -14.38
C LEU B 117 3.00 -4.78 -14.76
N GLY B 118 1.93 -4.23 -15.32
CA GLY B 118 1.79 -2.79 -15.45
C GLY B 118 0.53 -2.27 -14.78
N MET B 119 0.39 -2.53 -13.48
CA MET B 119 -0.64 -1.91 -12.68
C MET B 119 -0.10 -0.71 -11.90
N GLU B 120 -0.02 -0.86 -10.58
CA GLU B 120 0.54 0.18 -9.73
C GLU B 120 -0.24 0.29 -8.42
N THR B 121 -1.51 -0.11 -8.45
CA THR B 121 -2.33 -0.18 -7.25
C THR B 121 -2.42 -1.60 -6.72
N LEU B 122 -1.96 -2.56 -7.53
CA LEU B 122 -1.59 -3.88 -7.02
C LEU B 122 -0.23 -3.77 -6.33
N PRO B 123 -0.18 -4.09 -5.02
CA PRO B 123 1.00 -3.88 -4.20
C PRO B 123 2.24 -4.57 -4.76
N ALA B 124 3.40 -3.94 -4.52
CA ALA B 124 4.68 -4.38 -5.08
C ALA B 124 5.02 -5.84 -4.89
N TYR B 125 4.70 -6.39 -3.71
CA TYR B 125 5.01 -7.78 -3.43
C TYR B 125 4.19 -8.73 -4.31
N PHE B 126 2.96 -8.33 -4.67
CA PHE B 126 2.16 -9.13 -5.61
C PHE B 126 2.68 -9.06 -7.04
N ARG B 127 3.03 -7.84 -7.48
CA ARG B 127 3.69 -7.61 -8.77
C ARG B 127 4.94 -8.48 -8.91
N ASP B 128 5.79 -8.45 -7.89
CA ASP B 128 7.03 -9.25 -7.85
CA ASP B 128 7.03 -9.25 -7.90
C ASP B 128 6.72 -10.75 -7.91
N PHE B 129 5.67 -11.15 -7.21
CA PHE B 129 5.25 -12.56 -7.24
C PHE B 129 4.87 -12.96 -8.67
N PHE B 130 4.07 -12.13 -9.34
CA PHE B 130 3.64 -12.47 -10.70
C PHE B 130 4.77 -12.53 -11.71
N GLU B 131 5.77 -11.67 -11.52
CA GLU B 131 6.99 -11.70 -12.33
C GLU B 131 7.74 -13.01 -12.15
N ARG B 132 7.95 -13.42 -10.91
CA ARG B 132 8.52 -14.73 -10.57
C ARG B 132 7.71 -15.89 -11.17
N PHE B 133 6.39 -15.88 -10.92
CA PHE B 133 5.51 -16.97 -11.37
C PHE B 133 5.60 -17.16 -12.89
N ASP B 134 5.62 -16.05 -13.63
CA ASP B 134 5.71 -16.09 -15.08
C ASP B 134 7.04 -16.69 -15.53
N ARG B 135 8.11 -16.35 -14.83
CA ARG B 135 9.43 -16.85 -15.16
C ARG B 135 9.53 -18.36 -14.90
N GLU B 136 9.02 -18.79 -13.76
CA GLU B 136 9.05 -20.21 -13.40
C GLU B 136 8.18 -21.03 -14.34
N ASN B 137 7.20 -20.38 -14.96
CA ASN B 137 6.31 -21.05 -15.91
C ASN B 137 7.00 -21.31 -17.25
N LYS B 138 7.55 -20.25 -17.84
CA LYS B 138 8.10 -20.32 -19.18
C LYS B 138 9.51 -20.91 -19.18
N LYS B 139 10.45 -20.17 -18.60
CA LYS B 139 11.84 -20.62 -18.52
C LYS B 139 12.15 -21.17 -17.13
C1 GOL C . 1.26 5.54 -3.24
O1 GOL C . 1.62 6.91 -3.34
C2 GOL C . 0.38 5.32 -2.02
O2 GOL C . 1.18 4.81 -0.97
C3 GOL C . -0.69 4.30 -2.35
O3 GOL C . -1.53 4.16 -1.23
C1 GOL D . 3.06 0.33 -5.40
O1 GOL D . 4.43 0.21 -5.71
C2 GOL D . 2.80 -0.02 -3.93
O2 GOL D . 3.41 -1.23 -3.59
C3 GOL D . 1.29 -0.11 -3.68
O3 GOL D . 1.06 -0.50 -2.34
C1 GOL E . -8.52 -12.90 6.54
O1 GOL E . -9.73 -13.57 6.81
C2 GOL E . -8.56 -11.57 7.24
O2 GOL E . -8.55 -11.82 8.63
C3 GOL E . -7.40 -10.64 6.84
O3 GOL E . -6.52 -11.24 5.91
#